data_4M5U
#
_entry.id   4M5U
#
_cell.length_a   88.361
_cell.length_b   100.119
_cell.length_c   66.533
_cell.angle_alpha   90.00
_cell.angle_beta   90.00
_cell.angle_gamma   90.00
#
_symmetry.space_group_name_H-M   'C 2 2 21'
#
loop_
_entity.id
_entity.type
_entity.pdbx_description
1 polymer 'Polymerase PA'
2 non-polymer 'MANGANESE (II) ION'
3 non-polymer 'SULFATE ION'
4 non-polymer 5-(4-fluorophenyl)-3-hydroxy-6-[4-(1H-tetrazol-5-yl)phenyl]pyridin-2(1H)-one
5 water water
#
_entity_poly.entity_id   1
_entity_poly.type   'polypeptide(L)'
_entity_poly.pdbx_seq_one_letter_code
;MAHHHHHHSRAWRHPQFGGHHHHHHALEVLFQGPLGSMEDFVRQCFNPMIVELAEKAMKEYGEDPKIETNKFAAICTHLE
VCFMYSDFHFIDERGESIIVESGDPNALLKHRFEIIEGRDRIMAWTVVNSICNTTGVEKPKFLPDLYDYKENRFIEIGVT
RREVHIYYLEKANKIKSEKTHIHIFSFTGEEMATKADYTLDEESRARIKTRLFTIRQEMASRSLWDSFRQSERGEETVEE
R
;
_entity_poly.pdbx_strand_id   A
#
loop_
_chem_comp.id
_chem_comp.type
_chem_comp.name
_chem_comp.formula
20F non-polymer 5-(4-fluorophenyl)-3-hydroxy-6-[4-(1H-tetrazol-5-yl)phenyl]pyridin-2(1H)-one 'C18 H12 F N5 O2'
MN non-polymer 'MANGANESE (II) ION' 'Mn 2'
SO4 non-polymer 'SULFATE ION' 'O4 S -2'
#
# COMPACT_ATOMS: atom_id res chain seq x y z
N GLY A 33 6.67 23.61 19.25
CA GLY A 33 6.53 24.16 17.92
C GLY A 33 5.10 24.49 17.57
N PRO A 34 4.89 25.21 16.47
CA PRO A 34 3.53 25.53 16.00
C PRO A 34 2.85 24.31 15.38
N LEU A 35 1.53 24.22 15.52
CA LEU A 35 0.79 23.13 14.91
C LEU A 35 0.46 23.45 13.46
N GLY A 36 0.95 22.62 12.56
CA GLY A 36 0.67 22.74 11.14
C GLY A 36 -0.67 22.11 10.82
N SER A 37 -1.13 22.29 9.59
CA SER A 37 -2.31 21.58 9.11
C SER A 37 -1.92 20.30 8.41
N MET A 38 -2.68 19.23 8.64
CA MET A 38 -2.42 17.94 8.02
C MET A 38 -2.54 18.04 6.50
N GLU A 39 -3.45 18.91 6.05
CA GLU A 39 -3.62 19.23 4.64
C GLU A 39 -2.31 19.69 4.01
N ASP A 40 -1.67 20.66 4.64
CA ASP A 40 -0.40 21.20 4.16
C ASP A 40 0.64 20.08 4.07
N PHE A 41 0.69 19.23 5.09
CA PHE A 41 1.66 18.15 5.14
C PHE A 41 1.46 17.18 3.98
N VAL A 42 0.22 16.77 3.78
CA VAL A 42 -0.12 15.83 2.72
C VAL A 42 0.29 16.36 1.34
N ARG A 43 -0.03 17.63 1.07
CA ARG A 43 0.27 18.21 -0.24
C ARG A 43 1.76 18.49 -0.44
N GLN A 44 2.48 18.69 0.66
CA GLN A 44 3.90 18.98 0.61
C GLN A 44 4.77 17.72 0.58
N CYS A 45 4.32 16.67 1.25
CA CYS A 45 5.16 15.48 1.45
C CYS A 45 4.78 14.23 0.63
N PHE A 46 3.65 14.28 -0.08
CA PHE A 46 3.34 13.20 -1.02
C PHE A 46 3.31 13.78 -2.43
N ASN A 47 3.69 12.98 -3.43
CA ASN A 47 3.68 13.46 -4.80
C ASN A 47 2.23 13.65 -5.27
N PRO A 48 2.01 14.58 -6.21
CA PRO A 48 0.65 14.98 -6.58
C PRO A 48 -0.20 13.83 -7.12
N MET A 49 0.44 12.83 -7.71
CA MET A 49 -0.26 11.66 -8.22
C MET A 49 -0.96 10.88 -7.11
N ILE A 50 -0.23 10.68 -6.03
CA ILE A 50 -0.75 10.01 -4.84
C ILE A 50 -1.91 10.78 -4.23
N VAL A 51 -1.67 12.07 -4.00
CA VAL A 51 -2.66 12.96 -3.42
C VAL A 51 -3.95 12.97 -4.23
N GLU A 52 -3.82 13.09 -5.55
CA GLU A 52 -4.99 13.14 -6.40
C GLU A 52 -5.79 11.85 -6.34
N LEU A 53 -5.10 10.72 -6.45
CA LEU A 53 -5.76 9.41 -6.35
C LEU A 53 -6.46 9.25 -5.00
N ALA A 54 -5.83 9.77 -3.94
CA ALA A 54 -6.41 9.72 -2.60
C ALA A 54 -7.67 10.57 -2.48
N GLU A 55 -7.63 11.80 -3.00
CA GLU A 55 -8.80 12.66 -3.03
C GLU A 55 -9.97 12.03 -3.77
N LYS A 56 -9.67 11.43 -4.92
CA LYS A 56 -10.70 10.80 -5.75
C LYS A 56 -11.34 9.64 -5.01
N ALA A 57 -10.52 8.82 -4.36
CA ALA A 57 -11.04 7.71 -3.55
C ALA A 57 -11.97 8.20 -2.43
N MET A 58 -11.55 9.21 -1.68
CA MET A 58 -12.39 9.74 -0.59
C MET A 58 -13.71 10.29 -1.11
N LYS A 59 -13.64 11.11 -2.16
CA LYS A 59 -14.83 11.63 -2.81
C LYS A 59 -15.76 10.48 -3.21
N GLU A 60 -15.17 9.43 -3.79
CA GLU A 60 -15.92 8.27 -4.24
C GLU A 60 -16.69 7.63 -3.08
N TYR A 61 -16.10 7.65 -1.88
CA TYR A 61 -16.75 7.06 -0.71
C TYR A 61 -17.50 8.10 0.13
N GLY A 62 -17.63 9.32 -0.39
CA GLY A 62 -18.42 10.36 0.25
C GLY A 62 -17.80 11.13 1.40
N GLU A 63 -16.49 11.03 1.55
CA GLU A 63 -15.78 11.78 2.58
C GLU A 63 -14.98 12.94 1.97
N ASP A 64 -14.81 14.01 2.74
CA ASP A 64 -14.12 15.20 2.28
C ASP A 64 -12.69 15.23 2.84
N PRO A 65 -11.69 15.25 1.95
CA PRO A 65 -10.29 15.28 2.39
C PRO A 65 -9.93 16.51 3.22
N LYS A 66 -10.79 17.53 3.24
CA LYS A 66 -10.42 18.75 3.96
C LYS A 66 -11.02 18.72 5.36
N ILE A 67 -11.72 17.65 5.68
CA ILE A 67 -12.30 17.46 7.01
C ILE A 67 -11.74 16.19 7.65
N GLU A 68 -11.87 15.08 6.95
CA GLU A 68 -11.27 13.83 7.38
C GLU A 68 -9.78 13.79 7.01
N THR A 69 -8.98 14.65 7.62
CA THR A 69 -7.62 14.90 7.15
C THR A 69 -6.67 13.79 7.59
N ASN A 70 -6.85 13.29 8.80
CA ASN A 70 -6.05 12.16 9.27
C ASN A 70 -6.29 10.94 8.38
N LYS A 71 -7.53 10.73 7.97
CA LYS A 71 -7.84 9.65 7.03
C LYS A 71 -7.16 9.92 5.69
N PHE A 72 -7.22 11.17 5.26
CA PHE A 72 -6.59 11.63 4.03
C PHE A 72 -5.10 11.26 4.03
N ALA A 73 -4.39 11.63 5.10
CA ALA A 73 -2.98 11.29 5.26
C ALA A 73 -2.74 9.78 5.33
N ALA A 74 -3.65 9.06 6.00
CA ALA A 74 -3.55 7.61 6.09
C ALA A 74 -3.70 6.96 4.72
N ILE A 75 -4.61 7.47 3.91
CA ILE A 75 -4.89 6.90 2.60
C ILE A 75 -3.72 7.13 1.66
N CYS A 76 -3.13 8.32 1.73
CA CYS A 76 -1.93 8.64 0.95
C CYS A 76 -0.77 7.71 1.33
N THR A 77 -0.57 7.55 2.64
CA THR A 77 0.52 6.72 3.15
C THR A 77 0.41 5.27 2.66
N HIS A 78 -0.77 4.70 2.81
CA HIS A 78 -1.06 3.34 2.38
C HIS A 78 -0.89 3.18 0.86
N LEU A 79 -1.40 4.15 0.09
CA LEU A 79 -1.25 4.14 -1.36
C LEU A 79 0.23 4.13 -1.76
N GLU A 80 1.00 5.01 -1.13
CA GLU A 80 2.43 5.11 -1.42
C GLU A 80 3.16 3.81 -1.09
N VAL A 81 2.81 3.20 0.03
CA VAL A 81 3.40 1.92 0.41
C VAL A 81 3.09 0.87 -0.67
N CYS A 82 1.85 0.86 -1.16
CA CYS A 82 1.47 -0.04 -2.25
C CYS A 82 2.35 0.16 -3.48
N PHE A 83 2.61 1.43 -3.85
CA PHE A 83 3.46 1.70 -5.00
C PHE A 83 4.91 1.30 -4.72
N MET A 84 5.40 1.62 -3.52
CA MET A 84 6.78 1.31 -3.17
C MET A 84 7.00 -0.20 -3.09
N TYR A 85 5.95 -0.91 -2.68
CA TYR A 85 5.97 -2.37 -2.62
C TYR A 85 6.22 -2.97 -4.00
N SER A 86 5.64 -2.37 -5.03
CA SER A 86 5.77 -2.90 -6.39
C SER A 86 6.93 -2.27 -7.15
N ASP A 87 7.42 -1.13 -6.67
CA ASP A 87 8.51 -0.42 -7.34
C ASP A 87 9.71 -1.32 -7.60
N PHE A 88 10.22 -1.26 -8.83
CA PHE A 88 11.50 -1.85 -9.22
C PHE A 88 11.42 -3.36 -9.45
N HIS A 89 10.26 -3.95 -9.23
CA HIS A 89 10.16 -5.42 -9.32
C HIS A 89 9.56 -5.86 -10.65
N PHE A 90 10.33 -6.67 -11.36
CA PHE A 90 9.97 -7.12 -12.69
C PHE A 90 10.12 -8.63 -12.79
N ILE A 91 9.59 -9.20 -13.86
CA ILE A 91 9.86 -10.58 -14.18
C ILE A 91 10.66 -10.62 -15.48
N ASP A 92 11.81 -11.30 -15.44
CA ASP A 92 12.82 -11.18 -16.49
C ASP A 92 12.46 -11.92 -17.79
N GLU A 93 13.40 -11.86 -18.74
CA GLU A 93 13.28 -12.52 -20.02
C GLU A 93 13.13 -14.03 -19.88
N ARG A 94 13.66 -14.56 -18.78
CA ARG A 94 13.64 -16.00 -18.54
C ARG A 94 12.50 -16.35 -17.59
N GLY A 95 11.83 -15.34 -17.06
CA GLY A 95 10.65 -15.54 -16.26
C GLY A 95 10.87 -15.67 -14.76
N GLU A 96 11.98 -15.13 -14.27
CA GLU A 96 12.23 -15.12 -12.82
C GLU A 96 12.20 -13.67 -12.35
N SER A 97 12.32 -13.43 -11.04
CA SER A 97 12.03 -12.11 -10.48
C SER A 97 13.30 -11.33 -10.18
N ILE A 98 13.39 -10.13 -10.72
CA ILE A 98 14.60 -9.31 -10.64
C ILE A 98 14.29 -7.87 -10.24
N ILE A 99 15.32 -7.14 -9.82
CA ILE A 99 15.15 -5.78 -9.36
C ILE A 99 15.96 -4.82 -10.23
N VAL A 100 15.28 -3.84 -10.83
CA VAL A 100 15.98 -2.80 -11.60
C VAL A 100 15.50 -1.41 -11.15
N GLU A 101 16.45 -0.57 -10.75
CA GLU A 101 16.12 0.76 -10.24
C GLU A 101 16.28 1.87 -11.27
N SER A 102 16.52 1.50 -12.52
CA SER A 102 16.57 2.49 -13.59
C SER A 102 15.27 2.49 -14.40
N GLY A 103 15.13 3.46 -15.29
CA GLY A 103 14.01 3.50 -16.23
C GLY A 103 14.44 2.99 -17.58
N ASP A 104 15.75 2.97 -17.78
CA ASP A 104 16.38 2.52 -19.02
C ASP A 104 16.41 0.97 -19.25
N PRO A 105 16.08 0.14 -18.24
CA PRO A 105 16.18 -1.25 -18.68
C PRO A 105 15.10 -1.80 -19.62
N ASN A 106 15.42 -3.00 -20.07
CA ASN A 106 14.69 -3.87 -21.00
C ASN A 106 13.15 -3.87 -20.96
N ALA A 107 12.55 -3.47 -22.09
CA ALA A 107 11.10 -3.40 -22.26
C ALA A 107 10.39 -4.77 -22.31
N LEU A 108 11.16 -5.85 -22.39
CA LEU A 108 10.62 -7.22 -22.36
C LEU A 108 10.35 -7.68 -20.94
N LEU A 109 10.76 -6.86 -19.99
CA LEU A 109 10.49 -7.13 -18.59
C LEU A 109 9.02 -6.83 -18.30
N LYS A 110 8.39 -7.74 -17.56
CA LYS A 110 7.02 -7.54 -17.09
C LYS A 110 7.04 -7.10 -15.64
N HIS A 111 6.20 -6.12 -15.30
CA HIS A 111 6.02 -5.75 -13.90
C HIS A 111 5.62 -6.98 -13.10
N ARG A 112 6.25 -7.18 -11.95
CA ARG A 112 5.93 -8.31 -11.09
C ARG A 112 4.55 -8.18 -10.45
N PHE A 113 4.17 -6.95 -10.10
CA PHE A 113 2.92 -6.74 -9.39
C PHE A 113 1.89 -6.00 -10.24
N GLU A 114 0.63 -6.41 -10.11
CA GLU A 114 -0.49 -5.59 -10.54
C GLU A 114 -0.93 -4.74 -9.36
N ILE A 115 -1.20 -3.46 -9.60
CA ILE A 115 -1.62 -2.58 -8.52
C ILE A 115 -3.12 -2.35 -8.62
N ILE A 116 -3.84 -2.79 -7.59
CA ILE A 116 -5.29 -2.65 -7.54
C ILE A 116 -5.74 -1.41 -6.78
N GLU A 117 -5.10 -1.15 -5.65
CA GLU A 117 -5.37 0.04 -4.86
C GLU A 117 -5.10 1.28 -5.72
N GLY A 118 -5.85 2.35 -5.48
CA GLY A 118 -5.73 3.57 -6.26
C GLY A 118 -6.67 3.67 -7.46
N ARG A 119 -7.28 2.56 -7.85
CA ARG A 119 -8.26 2.56 -8.94
C ARG A 119 -9.66 2.74 -8.36
N ASP A 120 -10.57 3.34 -9.14
CA ASP A 120 -11.97 3.44 -8.74
C ASP A 120 -12.61 2.05 -8.76
N ARG A 121 -13.76 1.88 -8.11
CA ARG A 121 -14.35 0.55 -7.93
C ARG A 121 -14.50 -0.27 -9.21
N ILE A 122 -15.01 0.37 -10.25
CA ILE A 122 -15.27 -0.31 -11.52
C ILE A 122 -13.98 -0.86 -12.12
N MET A 123 -12.95 -0.02 -12.16
CA MET A 123 -11.68 -0.41 -12.76
C MET A 123 -10.92 -1.41 -11.90
N ALA A 124 -10.99 -1.24 -10.59
CA ALA A 124 -10.35 -2.18 -9.67
C ALA A 124 -10.91 -3.58 -9.86
N TRP A 125 -12.23 -3.70 -9.91
CA TRP A 125 -12.86 -5.00 -10.09
C TRP A 125 -12.67 -5.54 -11.50
N THR A 126 -12.60 -4.64 -12.48
CA THR A 126 -12.30 -5.06 -13.84
C THR A 126 -10.94 -5.75 -13.89
N VAL A 127 -9.96 -5.14 -13.23
CA VAL A 127 -8.61 -5.67 -13.19
C VAL A 127 -8.55 -7.00 -12.42
N VAL A 128 -9.20 -7.04 -11.25
CA VAL A 128 -9.31 -8.28 -10.49
C VAL A 128 -9.96 -9.41 -11.30
N ASN A 129 -11.06 -9.11 -12.00
CA ASN A 129 -11.75 -10.10 -12.81
C ASN A 129 -10.85 -10.64 -13.92
N SER A 130 -10.08 -9.75 -14.53
CA SER A 130 -9.16 -10.11 -15.59
C SER A 130 -8.09 -11.07 -15.07
N ILE A 131 -7.49 -10.71 -13.94
CA ILE A 131 -6.45 -11.53 -13.31
C ILE A 131 -7.00 -12.92 -12.98
N CYS A 132 -8.17 -12.94 -12.34
CA CYS A 132 -8.77 -14.18 -11.86
C CYS A 132 -9.09 -15.14 -13.00
N ASN A 133 -9.46 -14.57 -14.15
CA ASN A 133 -9.86 -15.38 -15.29
C ASN A 133 -8.64 -15.89 -16.04
N THR A 134 -7.67 -15.01 -16.25
CA THR A 134 -6.37 -15.37 -16.81
C THR A 134 -5.62 -16.43 -16.00
N THR A 135 -5.22 -16.06 -14.78
CA THR A 135 -4.37 -16.91 -13.96
C THR A 135 -5.13 -18.09 -13.36
N GLY A 136 -6.45 -18.02 -13.40
CA GLY A 136 -7.29 -19.03 -12.77
C GLY A 136 -7.34 -18.99 -11.25
N VAL A 137 -6.76 -17.96 -10.64
CA VAL A 137 -6.84 -17.82 -9.18
C VAL A 137 -8.26 -17.45 -8.74
N GLU A 138 -8.60 -17.82 -7.52
CA GLU A 138 -9.94 -17.59 -6.99
C GLU A 138 -10.24 -16.11 -6.79
N LYS A 139 -11.50 -15.73 -6.96
CA LYS A 139 -11.91 -14.33 -6.87
C LYS A 139 -12.11 -13.91 -5.42
N PRO A 140 -11.43 -12.83 -5.01
CA PRO A 140 -11.53 -12.33 -3.62
C PRO A 140 -12.87 -11.65 -3.36
N LYS A 141 -13.28 -11.63 -2.11
CA LYS A 141 -14.59 -11.10 -1.73
C LYS A 141 -14.53 -9.59 -1.54
N PHE A 142 -13.34 -9.10 -1.23
CA PHE A 142 -13.08 -7.67 -1.07
C PHE A 142 -11.90 -7.32 -1.96
N LEU A 143 -11.84 -6.06 -2.40
CA LEU A 143 -10.71 -5.61 -3.21
C LEU A 143 -9.42 -5.70 -2.42
N PRO A 144 -8.43 -6.39 -3.00
CA PRO A 144 -7.09 -6.40 -2.40
C PRO A 144 -6.29 -5.21 -2.92
N ASP A 145 -5.02 -5.13 -2.51
CA ASP A 145 -4.15 -4.04 -2.94
C ASP A 145 -3.29 -4.35 -4.15
N LEU A 146 -2.78 -5.58 -4.22
CA LEU A 146 -1.86 -5.97 -5.26
C LEU A 146 -2.14 -7.38 -5.76
N TYR A 147 -1.65 -7.69 -6.94
CA TYR A 147 -1.50 -9.08 -7.35
C TYR A 147 -0.03 -9.34 -7.65
N ASP A 148 0.46 -10.49 -7.19
CA ASP A 148 1.86 -10.85 -7.35
C ASP A 148 1.95 -11.96 -8.39
N TYR A 149 2.52 -11.64 -9.55
CA TYR A 149 2.59 -12.60 -10.66
C TYR A 149 3.64 -13.69 -10.41
N LYS A 150 4.57 -13.44 -9.50
CA LYS A 150 5.58 -14.45 -9.19
C LYS A 150 4.99 -15.50 -8.24
N GLU A 151 4.37 -15.03 -7.16
CA GLU A 151 3.82 -15.91 -6.14
C GLU A 151 2.40 -16.37 -6.50
N ASN A 152 1.83 -15.76 -7.53
CA ASN A 152 0.49 -16.09 -8.02
C ASN A 152 -0.58 -15.92 -6.95
N ARG A 153 -0.60 -14.76 -6.31
CA ARG A 153 -1.56 -14.49 -5.24
C ARG A 153 -1.83 -12.99 -5.10
N PHE A 154 -3.03 -12.65 -4.65
CA PHE A 154 -3.33 -11.28 -4.27
C PHE A 154 -2.68 -10.95 -2.93
N ILE A 155 -2.38 -9.68 -2.74
CA ILE A 155 -1.84 -9.19 -1.49
C ILE A 155 -2.71 -8.09 -0.88
N GLU A 156 -3.02 -8.24 0.40
CA GLU A 156 -3.58 -7.12 1.16
C GLU A 156 -2.47 -6.44 1.94
N ILE A 157 -2.26 -5.16 1.66
CA ILE A 157 -1.25 -4.39 2.35
C ILE A 157 -1.89 -3.70 3.53
N GLY A 158 -1.21 -3.65 4.67
CA GLY A 158 -1.70 -2.84 5.76
C GLY A 158 -0.63 -1.96 6.35
N VAL A 159 -1.06 -0.78 6.77
CA VAL A 159 -0.20 0.21 7.41
C VAL A 159 -0.94 0.67 8.64
N THR A 160 -0.37 0.45 9.81
CA THR A 160 -1.08 0.73 11.05
C THR A 160 -0.28 1.59 12.01
N ARG A 161 -1.01 2.39 12.78
CA ARG A 161 -0.44 3.17 13.87
C ARG A 161 -0.53 2.41 15.18
N ARG A 162 -1.02 1.18 15.11
CA ARG A 162 -1.09 0.30 16.26
C ARG A 162 -0.11 -0.87 16.10
N GLU A 163 -0.18 -1.84 17.02
CA GLU A 163 0.67 -3.01 16.94
C GLU A 163 0.26 -3.90 15.77
N VAL A 164 1.25 -4.38 15.02
CA VAL A 164 1.01 -5.14 13.80
C VAL A 164 0.22 -6.43 13.98
N HIS A 165 0.39 -7.11 15.11
CA HIS A 165 -0.26 -8.40 15.31
C HIS A 165 -1.77 -8.20 15.44
N ILE A 166 -2.16 -7.10 16.09
CA ILE A 166 -3.57 -6.81 16.32
C ILE A 166 -4.24 -6.45 15.01
N TYR A 167 -3.63 -5.52 14.28
CA TYR A 167 -4.10 -5.13 12.96
C TYR A 167 -4.15 -6.31 11.98
N TYR A 168 -3.15 -7.19 12.05
CA TYR A 168 -3.14 -8.38 11.20
C TYR A 168 -4.40 -9.21 11.39
N LEU A 169 -4.79 -9.45 12.64
CA LEU A 169 -5.96 -10.25 12.93
C LEU A 169 -7.23 -9.59 12.39
N GLU A 170 -7.29 -8.26 12.47
CA GLU A 170 -8.40 -7.47 11.91
C GLU A 170 -8.57 -7.65 10.40
N LYS A 171 -7.49 -7.48 9.65
CA LYS A 171 -7.38 -7.98 8.27
C LYS A 171 -7.74 -9.45 8.11
N ALA A 172 -7.10 -10.34 8.85
CA ALA A 172 -7.29 -11.77 8.60
C ALA A 172 -8.76 -12.12 8.78
N ASN A 173 -9.40 -11.45 9.73
CA ASN A 173 -10.79 -11.76 10.09
C ASN A 173 -11.81 -11.11 9.14
N LYS A 174 -11.40 -10.09 8.39
CA LYS A 174 -12.29 -9.50 7.39
C LYS A 174 -12.29 -10.29 6.10
N ILE A 175 -11.10 -10.72 5.66
CA ILE A 175 -10.97 -11.41 4.38
C ILE A 175 -11.59 -12.80 4.43
N LYS A 176 -12.00 -13.22 5.63
CA LYS A 176 -12.57 -14.55 5.87
C LYS A 176 -11.67 -15.69 5.38
N SER A 177 -12.14 -16.43 4.40
CA SER A 177 -11.33 -17.49 3.81
C SER A 177 -10.17 -16.83 3.07
N GLU A 178 -9.04 -17.52 3.00
CA GLU A 178 -7.82 -16.88 2.53
C GLU A 178 -7.06 -17.69 1.49
N LYS A 179 -6.93 -17.14 0.30
CA LYS A 179 -5.71 -17.33 -0.48
C LYS A 179 -4.93 -16.02 -0.55
N THR A 180 -5.59 -14.93 -0.13
CA THR A 180 -5.00 -13.60 -0.19
C THR A 180 -3.92 -13.40 0.87
N HIS A 181 -2.72 -13.01 0.43
CA HIS A 181 -1.62 -12.80 1.36
C HIS A 181 -1.72 -11.45 2.06
N ILE A 182 -1.48 -11.45 3.37
CA ILE A 182 -1.49 -10.22 4.16
C ILE A 182 -0.09 -9.80 4.58
N HIS A 183 0.23 -8.52 4.39
CA HIS A 183 1.51 -7.96 4.82
C HIS A 183 1.28 -6.63 5.51
N ILE A 184 1.58 -6.59 6.81
CA ILE A 184 1.33 -5.40 7.63
C ILE A 184 2.61 -4.64 7.95
N PHE A 185 2.59 -3.32 7.73
CA PHE A 185 3.68 -2.46 8.19
C PHE A 185 3.21 -1.55 9.31
N SER A 186 4.11 -1.21 10.23
CA SER A 186 3.82 -0.20 11.22
C SER A 186 4.71 1.01 10.98
N PHE A 187 4.49 2.07 11.73
CA PHE A 187 5.28 3.29 11.56
C PHE A 187 6.57 3.18 12.37
N THR A 188 6.63 2.17 13.23
CA THR A 188 7.80 1.97 14.09
C THR A 188 8.72 0.83 13.60
N GLY A 189 8.48 0.31 12.41
CA GLY A 189 9.40 -0.67 11.84
C GLY A 189 9.03 -2.14 11.92
N GLU A 190 8.01 -2.48 12.70
CA GLU A 190 7.50 -3.84 12.77
C GLU A 190 6.78 -4.30 11.49
N GLU A 191 6.93 -5.58 11.17
CA GLU A 191 6.14 -6.20 10.10
C GLU A 191 5.47 -7.47 10.59
N MET A 192 4.36 -7.82 9.95
CA MET A 192 3.80 -9.16 10.09
C MET A 192 3.18 -9.59 8.77
N ALA A 193 3.49 -10.81 8.36
CA ALA A 193 2.98 -11.32 7.10
C ALA A 193 2.56 -12.77 7.23
N THR A 194 1.56 -13.15 6.42
CA THR A 194 0.97 -14.48 6.47
C THR A 194 2.05 -15.57 6.40
N LYS A 195 1.99 -16.50 7.34
CA LYS A 195 2.87 -17.67 7.36
C LYS A 195 4.35 -17.30 7.37
N ALA A 196 4.65 -16.11 7.87
CA ALA A 196 6.03 -15.61 7.97
C ALA A 196 6.69 -15.53 6.60
N ASP A 197 5.86 -15.35 5.57
CA ASP A 197 6.33 -15.21 4.20
C ASP A 197 6.22 -13.73 3.82
N TYR A 198 7.38 -13.09 3.64
CA TYR A 198 7.42 -11.63 3.57
C TYR A 198 7.55 -11.11 2.14
N THR A 199 7.52 -12.05 1.19
CA THR A 199 7.47 -11.75 -0.24
C THR A 199 8.72 -11.07 -0.80
N LEU A 200 9.06 -9.91 -0.24
CA LEU A 200 10.15 -9.09 -0.79
C LEU A 200 11.45 -9.24 -0.01
N ASP A 201 12.55 -8.86 -0.64
CA ASP A 201 13.86 -8.79 -0.01
C ASP A 201 13.86 -7.74 1.12
N GLU A 202 14.86 -7.84 2.01
CA GLU A 202 14.98 -6.91 3.13
C GLU A 202 15.15 -5.47 2.69
N GLU A 203 15.87 -5.26 1.59
CA GLU A 203 16.13 -3.91 1.09
C GLU A 203 14.86 -3.19 0.65
N SER A 204 14.00 -3.91 -0.07
CA SER A 204 12.73 -3.35 -0.51
C SER A 204 11.88 -2.93 0.69
N ARG A 205 11.74 -3.83 1.66
CA ARG A 205 10.96 -3.54 2.84
C ARG A 205 11.62 -2.48 3.73
N ALA A 206 12.95 -2.40 3.71
CA ALA A 206 13.64 -1.33 4.42
C ALA A 206 13.32 0.06 3.86
N ARG A 207 13.20 0.16 2.54
CA ARG A 207 12.82 1.44 1.90
C ARG A 207 11.46 1.90 2.41
N ILE A 208 10.53 0.95 2.47
CA ILE A 208 9.18 1.23 2.93
C ILE A 208 9.19 1.68 4.39
N LYS A 209 9.89 0.94 5.24
CA LYS A 209 9.98 1.30 6.65
C LYS A 209 10.64 2.65 6.89
N THR A 210 11.63 2.97 6.06
CA THR A 210 12.34 4.23 6.18
C THR A 210 11.40 5.38 5.81
N ARG A 211 10.59 5.17 4.78
CA ARG A 211 9.63 6.17 4.34
C ARG A 211 8.59 6.42 5.43
N LEU A 212 8.09 5.35 6.03
CA LEU A 212 7.12 5.45 7.12
C LEU A 212 7.72 6.18 8.32
N PHE A 213 8.97 5.86 8.64
CA PHE A 213 9.66 6.53 9.73
C PHE A 213 9.77 8.03 9.42
N THR A 214 10.05 8.35 8.16
CA THR A 214 10.24 9.74 7.75
C THR A 214 8.90 10.51 7.81
N ILE A 215 7.83 9.86 7.40
CA ILE A 215 6.49 10.43 7.51
C ILE A 215 6.15 10.74 8.96
N ARG A 216 6.38 9.75 9.84
CA ARG A 216 6.14 9.90 11.26
C ARG A 216 6.94 11.05 11.88
N GLN A 217 8.22 11.14 11.55
CA GLN A 217 9.07 12.20 12.08
C GLN A 217 8.61 13.58 11.61
N GLU A 218 8.22 13.68 10.35
CA GLU A 218 7.87 14.96 9.77
C GLU A 218 6.55 15.44 10.37
N MET A 219 5.60 14.51 10.54
CA MET A 219 4.36 14.81 11.24
C MET A 219 4.65 15.30 12.65
N ALA A 220 5.58 14.64 13.32
CA ALA A 220 5.95 14.96 14.69
C ALA A 220 6.52 16.38 14.81
N SER A 221 7.33 16.77 13.83
CA SER A 221 7.93 18.10 13.87
C SER A 221 6.90 19.19 13.62
N ARG A 222 5.79 18.81 12.99
CA ARG A 222 4.68 19.74 12.78
C ARG A 222 3.60 19.56 13.84
N SER A 223 3.88 18.73 14.84
CA SER A 223 2.94 18.40 15.91
C SER A 223 1.62 17.85 15.39
N LEU A 224 1.70 17.08 14.31
CA LEU A 224 0.54 16.39 13.74
C LEU A 224 0.47 14.92 14.14
N TRP A 225 1.54 14.40 14.73
CA TRP A 225 1.67 12.96 14.90
C TRP A 225 0.71 12.40 15.95
N ASP A 226 0.71 13.01 17.13
CA ASP A 226 -0.09 12.52 18.25
C ASP A 226 -1.57 12.42 17.88
N SER A 227 -2.08 13.44 17.20
CA SER A 227 -3.46 13.47 16.77
C SER A 227 -3.71 12.38 15.72
N PHE A 228 -2.85 12.35 14.70
CA PHE A 228 -2.87 11.29 13.68
C PHE A 228 -2.80 9.88 14.25
N ARG A 229 -1.85 9.63 15.15
CA ARG A 229 -1.67 8.31 15.76
C ARG A 229 -2.92 7.82 16.51
N GLN A 230 -3.53 8.73 17.27
CA GLN A 230 -4.67 8.37 18.12
C GLN A 230 -5.97 8.21 17.33
N SER A 231 -5.97 8.66 16.08
CA SER A 231 -7.20 8.68 15.28
C SER A 231 -7.55 7.35 14.62
N GLU A 232 -6.62 6.40 14.61
CA GLU A 232 -6.88 5.13 13.92
C GLU A 232 -7.98 4.33 14.60
MN MN B . -4.68 -2.42 2.28
MN MN C . -7.08 -1.66 -0.67
MN MN D . -9.76 0.89 -1.57
S SO4 E . -9.75 14.37 11.60
O1 SO4 E . -9.01 15.55 11.17
O2 SO4 E . -11.18 14.67 11.64
O3 SO4 E . -9.50 13.26 10.69
O4 SO4 E . -9.31 13.99 12.95
O01 20F F . -5.70 -1.40 4.04
C02 20F F . -6.36 -0.48 3.51
C03 20F F . -6.74 -0.40 2.14
O04 20F F . -6.34 -1.42 1.33
C05 20F F . -7.45 0.68 1.71
C06 20F F . -7.88 1.75 2.54
C07 20F F . -8.66 2.87 1.89
C08 20F F . -8.23 3.46 0.68
C09 20F F . -8.91 4.48 0.03
C10 20F F . -10.09 5.00 0.58
C11 20F F . -10.56 4.47 1.78
C12 20F F . -9.85 3.43 2.40
F13 20F F . -10.74 5.98 -0.02
C14 20F F . -7.52 1.70 3.88
C15 20F F . -7.83 2.70 4.97
C16 20F F . -7.19 3.95 5.06
C17 20F F . -7.45 4.89 6.07
C18 20F F . -8.38 4.67 7.08
C19 20F F . -9.02 3.42 7.02
C20 20F F . -8.76 2.49 6.01
C21 20F F . -8.64 5.65 8.16
N22 20F F . -7.79 6.52 8.80
N23 20F F . -8.52 7.18 9.74
N24 20F F . -9.75 6.80 9.75
N25 20F F . -9.89 5.83 8.79
N26 20F F . -6.78 0.58 4.33
#